data_9L5M
#
_entry.id   9L5M
#
_cell.length_a   96.823
_cell.length_b   55.916
_cell.length_c   102.164
_cell.angle_alpha   90.00
_cell.angle_beta   90.01
_cell.angle_gamma   90.00
#
_symmetry.space_group_name_H-M   'C 1 2 1'
#
loop_
_entity.id
_entity.type
_entity.pdbx_description
1 polymer 'Sarcoplasmic Ca-binding protein (SCP)'
2 non-polymer 'CALCIUM ION'
3 water water
#
_entity_poly.entity_id   1
_entity_poly.type   'polypeptide(L)'
_entity_poly.pdbx_seq_one_letter_code
;GSHMDYLTGKWKLWYKMLDVNHDGKISIEDVEESRNKFTNLHELLEEKAKGVKVDMENWWTEYIFGQNGPKEISEADFVK
RLQTAYETDKAAFVKKMENCFNTIFDVIDTNKDRQIELDEFVLVFKAFGHENEPAVTKFFGLYNAPAGIPIKDIVAYVKF
TTSDNSNDTDYVNQSLKLVL
;
_entity_poly.pdbx_strand_id   A,B,C
#
loop_
_chem_comp.id
_chem_comp.type
_chem_comp.name
_chem_comp.formula
CA non-polymer 'CALCIUM ION' 'Ca 2'
#
# COMPACT_ATOMS: atom_id res chain seq x y z
N GLY A 1 -28.66 -24.46 2.50
CA GLY A 1 -28.27 -24.71 1.12
C GLY A 1 -26.86 -25.27 1.05
N SER A 2 -26.36 -25.41 -0.18
CA SER A 2 -25.05 -26.03 -0.42
C SER A 2 -23.91 -25.18 0.10
N HIS A 3 -24.06 -23.85 0.05
CA HIS A 3 -23.22 -22.90 0.76
C HIS A 3 -23.01 -23.32 2.20
N MET A 4 -24.11 -23.58 2.87
CA MET A 4 -24.03 -24.02 4.23
C MET A 4 -23.56 -25.45 4.40
N ASP A 5 -23.83 -26.37 3.47
CA ASP A 5 -23.43 -27.75 3.70
C ASP A 5 -21.91 -27.91 3.65
N TYR A 6 -21.27 -27.17 2.73
CA TYR A 6 -19.82 -27.22 2.58
C TYR A 6 -19.15 -26.56 3.78
N LEU A 7 -19.75 -25.45 4.25
CA LEU A 7 -19.25 -24.75 5.43
C LEU A 7 -19.40 -25.57 6.70
N THR A 8 -20.54 -26.26 6.84
CA THR A 8 -20.81 -27.12 8.01
C THR A 8 -19.74 -28.19 8.13
N GLY A 9 -19.24 -28.68 7.00
CA GLY A 9 -18.21 -29.73 7.02
C GLY A 9 -16.87 -29.21 7.52
N LYS A 10 -16.47 -28.02 7.07
CA LYS A 10 -15.29 -27.33 7.55
C LYS A 10 -15.40 -26.99 9.02
N TRP A 11 -16.57 -26.51 9.47
CA TRP A 11 -16.77 -26.16 10.88
C TRP A 11 -16.72 -27.38 11.79
N LYS A 12 -17.19 -28.53 11.30
CA LYS A 12 -17.14 -29.77 12.08
C LYS A 12 -15.70 -30.28 12.17
N LEU A 13 -14.96 -30.16 11.06
CA LEU A 13 -13.54 -30.48 11.00
C LEU A 13 -12.72 -29.58 11.91
N TRP A 14 -13.10 -28.31 12.00
CA TRP A 14 -12.40 -27.35 12.83
C TRP A 14 -12.68 -27.62 14.28
N TYR A 15 -13.85 -28.20 14.56
CA TYR A 15 -14.22 -28.57 15.92
C TYR A 15 -13.34 -29.71 16.42
N LYS A 16 -13.04 -30.68 15.55
CA LYS A 16 -12.27 -31.84 15.97
C LYS A 16 -10.82 -31.47 16.25
N MET A 17 -10.31 -30.42 15.60
CA MET A 17 -8.98 -29.90 15.89
C MET A 17 -8.98 -29.19 17.24
N LEU A 18 -10.08 -28.48 17.55
CA LEU A 18 -10.17 -27.78 18.84
C LEU A 18 -10.40 -28.73 20.01
N ASP A 19 -11.03 -29.86 19.79
CA ASP A 19 -11.30 -30.85 20.85
C ASP A 19 -10.02 -31.66 21.02
N VAL A 20 -9.13 -31.19 21.91
CA VAL A 20 -7.79 -31.78 22.00
C VAL A 20 -7.86 -33.13 22.70
N ASN A 21 -8.84 -33.36 23.56
CA ASN A 21 -8.89 -34.55 24.40
C ASN A 21 -9.91 -35.56 23.90
N HIS A 22 -10.38 -35.38 22.66
CA HIS A 22 -11.23 -36.29 21.85
C HIS A 22 -12.41 -36.87 22.63
N ASP A 23 -13.08 -35.99 23.38
CA ASP A 23 -14.20 -36.39 24.22
C ASP A 23 -15.53 -35.79 23.75
N GLY A 24 -15.55 -35.19 22.58
CA GLY A 24 -16.82 -34.67 22.06
C GLY A 24 -17.33 -33.40 22.68
N LYS A 25 -16.53 -32.72 23.48
CA LYS A 25 -16.94 -31.43 24.02
C LYS A 25 -15.74 -30.49 23.91
N ILE A 26 -15.99 -29.19 23.85
CA ILE A 26 -14.97 -28.17 24.05
C ILE A 26 -15.15 -27.64 25.46
N SER A 27 -14.13 -27.77 26.31
CA SER A 27 -14.22 -27.46 27.73
C SER A 27 -12.87 -26.94 28.21
N ILE A 28 -12.74 -26.81 29.54
CA ILE A 28 -11.56 -26.19 30.11
C ILE A 28 -10.37 -27.13 30.02
N GLU A 29 -10.59 -28.45 30.07
CA GLU A 29 -9.53 -29.46 29.88
C GLU A 29 -8.86 -29.34 28.51
N ASP A 30 -9.58 -28.83 27.51
CA ASP A 30 -9.00 -28.55 26.20
C ASP A 30 -8.08 -27.34 26.25
N VAL A 31 -8.56 -26.27 26.91
CA VAL A 31 -7.79 -25.05 27.11
C VAL A 31 -6.50 -25.35 27.87
N GLU A 32 -6.60 -26.11 28.98
CA GLU A 32 -5.45 -26.43 29.83
C GLU A 32 -4.45 -27.34 29.14
N GLU A 33 -4.89 -28.43 28.48
CA GLU A 33 -3.97 -29.36 27.81
C GLU A 33 -3.18 -28.66 26.70
N SER A 34 -3.86 -27.82 25.91
CA SER A 34 -3.20 -27.09 24.84
C SER A 34 -2.24 -26.03 25.37
N ARG A 35 -2.63 -25.24 26.38
CA ARG A 35 -1.75 -24.16 26.84
C ARG A 35 -0.54 -24.69 27.61
N ASN A 36 -0.73 -25.79 28.36
CA ASN A 36 0.37 -26.38 29.14
C ASN A 36 1.41 -26.97 28.21
N LYS A 37 0.97 -27.68 27.18
CA LYS A 37 1.91 -28.33 26.29
C LYS A 37 2.52 -27.35 25.29
N PHE A 38 1.87 -26.20 25.04
CA PHE A 38 2.46 -25.16 24.19
C PHE A 38 3.65 -24.50 24.87
N THR A 39 3.50 -24.15 26.15
CA THR A 39 4.57 -23.48 26.88
C THR A 39 5.74 -24.41 27.16
N ASN A 40 5.43 -25.67 27.48
CA ASN A 40 6.47 -26.65 27.78
C ASN A 40 7.31 -26.98 26.55
N LEU A 41 6.68 -26.99 25.38
CA LEU A 41 7.38 -27.41 24.17
C LEU A 41 8.13 -26.27 23.51
N HIS A 42 7.92 -25.04 23.93
CA HIS A 42 8.69 -23.90 23.48
C HIS A 42 9.82 -23.54 24.45
N GLU A 43 10.05 -24.41 25.45
CA GLU A 43 11.07 -24.25 26.51
C GLU A 43 10.89 -22.95 27.29
N LEU A 44 9.63 -22.57 27.51
CA LEU A 44 9.34 -21.31 28.19
C LEU A 44 9.55 -21.47 29.69
N LEU A 45 9.99 -20.39 30.33
CA LEU A 45 10.07 -20.33 31.78
C LEU A 45 8.79 -19.76 32.34
N GLU A 46 8.66 -19.81 33.68
CA GLU A 46 7.38 -19.73 34.38
C GLU A 46 6.58 -18.46 34.10
N GLU A 47 7.26 -17.33 34.02
CA GLU A 47 6.56 -16.07 33.84
C GLU A 47 6.08 -15.90 32.41
N LYS A 48 7.00 -16.09 31.46
CA LYS A 48 6.67 -15.98 30.04
C LYS A 48 5.64 -17.03 29.64
N ALA A 49 5.70 -18.19 30.28
CA ALA A 49 4.77 -19.28 30.06
C ALA A 49 3.39 -18.93 30.55
N LYS A 50 3.27 -18.42 31.79
CA LYS A 50 1.97 -18.02 32.31
C LYS A 50 1.38 -16.86 31.54
N GLY A 51 2.21 -15.95 31.04
CA GLY A 51 1.73 -14.88 30.19
C GLY A 51 1.20 -15.41 28.87
N VAL A 52 1.88 -16.41 28.30
CA VAL A 52 1.38 -17.12 27.14
C VAL A 52 0.09 -17.87 27.48
N LYS A 53 -0.06 -18.34 28.72
CA LYS A 53 -1.25 -19.06 29.14
C LYS A 53 -2.46 -18.15 29.24
N VAL A 54 -2.25 -16.91 29.74
CA VAL A 54 -3.29 -15.88 29.78
C VAL A 54 -3.73 -15.53 28.37
N ASP A 55 -2.76 -15.50 27.44
CA ASP A 55 -3.06 -15.15 26.05
C ASP A 55 -3.86 -16.24 25.34
N MET A 56 -3.49 -17.51 25.56
CA MET A 56 -4.21 -18.64 25.00
C MET A 56 -5.64 -18.70 25.54
N GLU A 57 -5.79 -18.54 26.87
CA GLU A 57 -7.09 -18.65 27.53
C GLU A 57 -8.04 -17.54 27.10
N ASN A 58 -7.51 -16.32 26.90
CA ASN A 58 -8.30 -15.20 26.41
C ASN A 58 -8.79 -15.44 24.99
N TRP A 59 -7.98 -16.12 24.16
CA TRP A 59 -8.38 -16.48 22.81
C TRP A 59 -9.54 -17.46 22.83
N TRP A 60 -9.45 -18.51 23.67
CA TRP A 60 -10.55 -19.45 23.85
C TRP A 60 -11.83 -18.79 24.35
N THR A 61 -11.74 -17.93 25.37
CA THR A 61 -12.96 -17.39 25.97
C THR A 61 -13.63 -16.35 25.08
N GLU A 62 -12.86 -15.71 24.20
CA GLU A 62 -13.39 -14.66 23.31
C GLU A 62 -13.93 -15.22 22.01
N TYR A 63 -13.24 -16.19 21.41
CA TYR A 63 -13.58 -16.51 20.03
C TYR A 63 -14.18 -17.90 19.90
N ILE A 64 -14.05 -18.73 20.93
CA ILE A 64 -14.62 -20.07 20.93
C ILE A 64 -15.83 -20.12 21.84
N PHE A 65 -15.65 -19.83 23.13
CA PHE A 65 -16.71 -20.00 24.10
C PHE A 65 -17.72 -18.86 24.02
N GLY A 66 -17.25 -17.64 23.82
CA GLY A 66 -18.11 -16.48 23.86
C GLY A 66 -18.52 -16.11 25.27
N GLN A 67 -18.48 -14.83 25.60
CA GLN A 67 -19.01 -14.41 26.88
C GLN A 67 -20.51 -14.65 26.95
N ASN A 68 -20.98 -14.93 28.18
CA ASN A 68 -22.32 -15.43 28.50
C ASN A 68 -22.62 -16.76 27.79
N GLY A 69 -21.61 -17.60 27.59
CA GLY A 69 -21.76 -18.83 26.85
C GLY A 69 -21.86 -20.06 27.75
N PRO A 70 -22.11 -21.24 27.17
CA PRO A 70 -22.16 -22.45 27.98
C PRO A 70 -20.76 -22.92 28.38
N LYS A 71 -20.73 -23.69 29.48
CA LYS A 71 -19.47 -24.19 30.04
C LYS A 71 -18.79 -25.16 29.07
N GLU A 72 -19.59 -25.96 28.37
CA GLU A 72 -19.08 -26.97 27.44
C GLU A 72 -19.78 -26.79 26.09
N ILE A 73 -19.06 -27.08 25.00
CA ILE A 73 -19.58 -26.89 23.65
C ILE A 73 -19.61 -28.23 22.93
N SER A 74 -20.78 -28.70 22.54
CA SER A 74 -20.76 -29.86 21.65
C SER A 74 -20.53 -29.40 20.21
N GLU A 75 -20.31 -30.36 19.30
CA GLU A 75 -20.18 -30.05 17.87
C GLU A 75 -21.48 -29.48 17.34
N ALA A 76 -22.61 -30.05 17.79
CA ALA A 76 -23.91 -29.54 17.42
C ALA A 76 -24.08 -28.10 17.87
N ASP A 77 -23.64 -27.78 19.09
CA ASP A 77 -23.80 -26.41 19.61
C ASP A 77 -22.86 -25.46 18.90
N PHE A 78 -21.72 -25.99 18.47
CA PHE A 78 -20.69 -25.21 17.80
C PHE A 78 -21.14 -24.82 16.39
N VAL A 79 -21.72 -25.77 15.65
CA VAL A 79 -22.19 -25.53 14.28
C VAL A 79 -23.48 -24.71 14.31
N LYS A 80 -24.29 -24.86 15.36
CA LYS A 80 -25.52 -24.10 15.48
C LYS A 80 -25.22 -22.62 15.70
N ARG A 81 -24.21 -22.32 16.54
CA ARG A 81 -23.90 -20.93 16.84
C ARG A 81 -23.14 -20.25 15.70
N LEU A 82 -22.33 -21.02 14.94
CA LEU A 82 -21.63 -20.46 13.79
C LEU A 82 -22.59 -20.23 12.63
N GLN A 83 -23.54 -21.14 12.43
CA GLN A 83 -24.58 -20.99 11.41
C GLN A 83 -25.48 -19.79 11.65
N THR A 84 -25.93 -19.62 12.89
CA THR A 84 -26.77 -18.48 13.23
C THR A 84 -26.02 -17.18 12.99
N ALA A 85 -24.74 -17.11 13.37
CA ALA A 85 -23.90 -15.93 13.15
C ALA A 85 -23.76 -15.59 11.66
N TYR A 86 -23.49 -16.60 10.83
CA TYR A 86 -23.31 -16.41 9.38
C TYR A 86 -24.61 -15.96 8.71
N GLU A 87 -25.75 -16.44 9.18
CA GLU A 87 -27.02 -16.08 8.58
C GLU A 87 -27.47 -14.67 8.94
N THR A 88 -26.98 -14.12 10.06
CA THR A 88 -27.47 -12.83 10.52
C THR A 88 -26.60 -11.68 10.03
N ASP A 89 -25.27 -11.85 9.99
CA ASP A 89 -24.37 -10.86 9.41
C ASP A 89 -23.10 -11.60 8.96
N LYS A 90 -22.98 -11.84 7.64
CA LYS A 90 -21.80 -12.57 7.12
C LYS A 90 -20.56 -11.72 7.19
N ALA A 91 -20.69 -10.41 6.93
CA ALA A 91 -19.55 -9.50 6.95
C ALA A 91 -18.92 -9.46 8.34
N ALA A 92 -19.75 -9.35 9.36
CA ALA A 92 -19.31 -9.36 10.75
C ALA A 92 -18.69 -10.70 11.13
N PHE A 93 -19.24 -11.81 10.61
CA PHE A 93 -18.73 -13.14 10.89
C PHE A 93 -17.32 -13.32 10.34
N VAL A 94 -17.06 -12.78 9.14
CA VAL A 94 -15.75 -12.87 8.50
C VAL A 94 -14.72 -12.09 9.29
N LYS A 95 -15.12 -10.90 9.77
CA LYS A 95 -14.27 -10.03 10.59
C LYS A 95 -13.90 -10.71 11.90
N LYS A 96 -14.86 -11.36 12.55
CA LYS A 96 -14.60 -12.05 13.81
C LYS A 96 -13.66 -13.21 13.60
N MET A 97 -13.79 -13.90 12.46
CA MET A 97 -12.92 -15.04 12.15
C MET A 97 -11.51 -14.57 11.84
N GLU A 98 -11.39 -13.41 11.17
CA GLU A 98 -10.14 -12.71 10.97
C GLU A 98 -9.49 -12.35 12.30
N ASN A 99 -10.29 -11.75 13.20
CA ASN A 99 -9.78 -11.33 14.51
C ASN A 99 -9.34 -12.53 15.32
N CYS A 100 -10.07 -13.63 15.21
CA CYS A 100 -9.75 -14.92 15.83
C CYS A 100 -8.40 -15.42 15.42
N PHE A 101 -8.19 -15.58 14.12
CA PHE A 101 -6.95 -16.25 13.73
C PHE A 101 -5.77 -15.29 13.80
N ASN A 102 -5.99 -13.98 13.68
CA ASN A 102 -4.96 -12.97 13.97
C ASN A 102 -4.40 -13.15 15.38
N THR A 103 -5.29 -13.37 16.35
CA THR A 103 -4.89 -13.53 17.75
C THR A 103 -4.06 -14.79 17.97
N ILE A 104 -4.58 -15.94 17.50
CA ILE A 104 -3.93 -17.23 17.74
C ILE A 104 -2.60 -17.31 16.99
N PHE A 105 -2.49 -16.75 15.77
CA PHE A 105 -1.26 -16.90 14.99
C PHE A 105 -0.18 -15.99 15.51
N ASP A 106 -0.57 -14.97 16.29
CA ASP A 106 0.43 -14.18 17.01
C ASP A 106 0.97 -14.96 18.20
N VAL A 107 0.14 -15.76 18.87
CA VAL A 107 0.63 -16.68 19.91
C VAL A 107 1.60 -17.71 19.31
N ILE A 108 1.22 -18.30 18.16
CA ILE A 108 2.07 -19.24 17.41
C ILE A 108 3.38 -18.59 17.00
N ASP A 109 3.33 -17.30 16.68
CA ASP A 109 4.49 -16.47 16.44
C ASP A 109 5.28 -16.31 17.73
N THR A 110 6.28 -17.16 17.92
CA THR A 110 7.00 -17.22 19.18
C THR A 110 8.23 -16.32 19.15
N ASN A 111 8.91 -16.23 18.00
CA ASN A 111 10.05 -15.31 17.87
C ASN A 111 9.62 -13.88 17.55
N LYS A 112 8.34 -13.67 17.21
CA LYS A 112 7.69 -12.38 16.90
C LYS A 112 8.29 -11.74 15.63
N ASP A 113 8.63 -12.56 14.63
CA ASP A 113 9.07 -11.99 13.36
C ASP A 113 7.93 -11.74 12.39
N ARG A 114 6.68 -11.90 12.86
CA ARG A 114 5.43 -11.59 12.14
C ARG A 114 5.22 -12.55 10.96
N GLN A 115 5.85 -13.73 11.05
CA GLN A 115 5.71 -14.85 10.13
C GLN A 115 5.66 -16.15 10.92
N ILE A 116 5.15 -17.18 10.29
CA ILE A 116 4.96 -18.50 10.88
C ILE A 116 6.00 -19.42 10.25
N GLU A 117 7.03 -19.74 11.04
CA GLU A 117 8.07 -20.66 10.62
C GLU A 117 7.51 -22.07 10.67
N LEU A 118 8.30 -23.00 10.11
CA LEU A 118 7.92 -24.41 10.16
C LEU A 118 7.88 -24.91 11.60
N ASP A 119 8.81 -24.43 12.44
CA ASP A 119 8.87 -24.92 13.82
C ASP A 119 7.70 -24.43 14.65
N GLU A 120 7.21 -23.22 14.36
CA GLU A 120 6.15 -22.65 15.17
C GLU A 120 4.86 -23.33 14.84
N PHE A 121 4.76 -23.80 13.60
CA PHE A 121 3.51 -24.32 13.07
C PHE A 121 3.30 -25.77 13.46
N VAL A 122 4.36 -26.60 13.44
CA VAL A 122 4.23 -28.01 13.80
C VAL A 122 3.92 -28.15 15.29
N LEU A 123 4.28 -27.14 16.08
CA LEU A 123 4.20 -27.29 17.52
C LEU A 123 2.84 -26.90 18.05
N VAL A 124 2.10 -26.01 17.35
CA VAL A 124 0.78 -25.68 17.85
C VAL A 124 -0.14 -26.87 17.65
N PHE A 125 0.05 -27.63 16.56
CA PHE A 125 -0.68 -28.88 16.36
C PHE A 125 -0.27 -29.92 17.39
N LYS A 126 1.05 -30.07 17.64
CA LYS A 126 1.59 -31.03 18.64
C LYS A 126 1.07 -30.72 20.05
N ALA A 127 0.85 -29.43 20.35
CA ALA A 127 0.29 -28.96 21.61
C ALA A 127 -1.19 -29.22 21.68
N PHE A 128 -1.87 -29.13 20.54
CA PHE A 128 -3.29 -29.37 20.44
C PHE A 128 -3.59 -30.85 20.25
N GLY A 129 -2.61 -31.75 20.44
CA GLY A 129 -2.83 -33.18 20.41
C GLY A 129 -2.63 -33.85 19.07
N HIS A 130 -2.14 -33.14 18.06
CA HIS A 130 -2.05 -33.62 16.69
C HIS A 130 -0.58 -33.84 16.36
N GLU A 131 -0.19 -35.11 16.23
CA GLU A 131 1.19 -35.52 16.08
C GLU A 131 1.49 -36.06 14.69
N ASN A 132 0.68 -35.71 13.69
CA ASN A 132 0.97 -36.17 12.33
C ASN A 132 1.91 -35.14 11.73
N GLU A 133 3.22 -35.31 12.06
CA GLU A 133 4.26 -34.35 11.68
C GLU A 133 4.48 -34.33 10.16
N PRO A 134 4.58 -35.46 9.42
CA PRO A 134 4.66 -35.32 7.95
C PRO A 134 3.46 -34.64 7.30
N ALA A 135 2.27 -34.75 7.90
CA ALA A 135 1.10 -34.08 7.32
C ALA A 135 1.07 -32.59 7.63
N VAL A 136 1.50 -32.18 8.83
CA VAL A 136 1.65 -30.74 9.13
C VAL A 136 2.73 -30.11 8.25
N THR A 137 3.77 -30.85 7.91
CA THR A 137 4.87 -30.26 7.18
C THR A 137 4.55 -30.13 5.71
N LYS A 138 3.87 -31.14 5.15
CA LYS A 138 3.31 -31.06 3.81
C LYS A 138 2.27 -29.95 3.70
N PHE A 139 1.44 -29.76 4.75
CA PHE A 139 0.52 -28.62 4.85
C PHE A 139 1.28 -27.30 4.77
N PHE A 140 2.43 -27.22 5.44
CA PHE A 140 3.23 -26.00 5.45
C PHE A 140 3.78 -25.70 4.06
N GLY A 141 4.17 -26.75 3.34
CA GLY A 141 4.77 -26.62 2.02
C GLY A 141 3.82 -26.09 0.95
N LEU A 142 2.52 -26.22 1.16
CA LEU A 142 1.51 -25.81 0.18
C LEU A 142 1.46 -24.30 -0.03
N TYR A 143 2.09 -23.50 0.84
CA TYR A 143 1.97 -22.06 0.81
C TYR A 143 3.21 -21.37 0.24
N ASN A 144 4.16 -22.17 -0.30
CA ASN A 144 5.36 -21.68 -1.02
C ASN A 144 6.15 -20.64 -0.25
N ALA A 145 6.17 -20.77 1.05
CA ALA A 145 6.96 -19.87 1.88
C ALA A 145 7.84 -20.70 2.80
N PRO A 146 8.91 -21.32 2.24
CA PRO A 146 9.69 -22.34 3.00
C PRO A 146 10.22 -21.88 4.35
N ALA A 147 10.75 -20.67 4.44
CA ALA A 147 11.28 -20.15 5.70
C ALA A 147 10.35 -19.21 6.45
N GLY A 148 9.12 -18.97 5.98
CA GLY A 148 8.25 -18.09 6.74
C GLY A 148 6.95 -17.74 6.01
N ILE A 149 5.82 -18.26 6.48
CA ILE A 149 4.51 -17.88 5.92
C ILE A 149 4.04 -16.64 6.68
N PRO A 150 3.93 -15.48 6.03
CA PRO A 150 3.48 -14.26 6.74
C PRO A 150 2.09 -14.41 7.37
N ILE A 151 1.88 -13.77 8.53
CA ILE A 151 0.68 -13.97 9.37
C ILE A 151 -0.59 -13.53 8.67
N LYS A 152 -0.51 -12.81 7.56
CA LYS A 152 -1.68 -12.65 6.71
C LYS A 152 -2.21 -13.93 6.06
N ASP A 153 -1.67 -15.15 6.36
CA ASP A 153 -2.26 -16.50 6.19
C ASP A 153 -3.38 -16.82 7.17
N ILE A 154 -3.78 -15.87 8.04
CA ILE A 154 -5.08 -16.01 8.67
C ILE A 154 -6.17 -15.90 7.62
N VAL A 155 -5.89 -15.36 6.42
CA VAL A 155 -6.84 -15.33 5.33
C VAL A 155 -7.09 -16.75 4.83
N ALA A 156 -6.17 -17.70 5.07
CA ALA A 156 -6.44 -19.08 4.71
C ALA A 156 -7.43 -19.70 5.66
N TYR A 157 -7.28 -19.42 6.94
CA TYR A 157 -8.28 -19.92 7.87
C TYR A 157 -9.54 -19.06 7.83
N VAL A 158 -9.50 -17.88 7.23
CA VAL A 158 -10.73 -17.10 7.03
C VAL A 158 -11.53 -17.75 5.94
N LYS A 159 -10.86 -18.16 4.85
CA LYS A 159 -11.48 -18.95 3.77
C LYS A 159 -12.05 -20.25 4.32
N PHE A 160 -11.33 -20.93 5.18
CA PHE A 160 -11.79 -22.20 5.72
C PHE A 160 -13.01 -22.04 6.63
N THR A 161 -13.12 -20.93 7.34
CA THR A 161 -14.21 -20.80 8.31
C THR A 161 -15.36 -19.96 7.80
N THR A 162 -15.25 -19.32 6.63
CA THR A 162 -16.30 -18.41 6.18
C THR A 162 -16.72 -18.62 4.74
N SER A 163 -15.87 -19.26 3.91
CA SER A 163 -16.19 -19.38 2.49
C SER A 163 -17.25 -20.44 2.27
N ASP A 164 -18.23 -20.10 1.45
CA ASP A 164 -19.37 -20.94 1.16
C ASP A 164 -19.21 -21.70 -0.14
N ASN A 165 -17.99 -21.78 -0.68
CA ASN A 165 -17.78 -22.16 -2.07
C ASN A 165 -17.02 -23.48 -2.09
N SER A 166 -17.68 -24.53 -2.58
CA SER A 166 -17.08 -25.86 -2.63
C SER A 166 -15.95 -25.95 -3.65
N ASN A 167 -15.87 -25.01 -4.60
CA ASN A 167 -14.88 -25.04 -5.64
C ASN A 167 -13.50 -24.61 -5.19
N ASP A 168 -13.39 -23.81 -4.09
CA ASP A 168 -12.11 -23.25 -3.62
C ASP A 168 -11.02 -24.32 -3.50
N THR A 169 -9.80 -23.95 -3.85
CA THR A 169 -8.63 -24.77 -3.51
C THR A 169 -8.26 -24.38 -2.08
N ASP A 170 -8.75 -25.13 -1.12
CA ASP A 170 -8.55 -24.81 0.29
C ASP A 170 -7.46 -25.73 0.83
N TYR A 171 -6.26 -25.20 1.08
CA TYR A 171 -5.20 -26.06 1.58
C TYR A 171 -5.42 -26.45 3.04
N VAL A 172 -6.20 -25.64 3.78
CA VAL A 172 -6.54 -25.94 5.16
C VAL A 172 -7.51 -27.13 5.22
N ASN A 173 -8.58 -27.09 4.42
CA ASN A 173 -9.57 -28.17 4.35
C ASN A 173 -8.92 -29.47 3.87
N GLN A 174 -7.99 -29.38 2.90
CA GLN A 174 -7.28 -30.55 2.38
C GLN A 174 -6.37 -31.18 3.42
N SER A 175 -5.58 -30.38 4.11
CA SER A 175 -4.56 -31.01 4.94
C SER A 175 -5.08 -31.42 6.29
N LEU A 176 -6.15 -30.81 6.78
CA LEU A 176 -6.71 -31.23 8.06
C LEU A 176 -7.47 -32.54 7.94
N LYS A 177 -7.78 -32.98 6.72
CA LYS A 177 -8.35 -34.30 6.51
C LYS A 177 -7.28 -35.38 6.56
N LEU A 178 -6.01 -34.99 6.59
CA LEU A 178 -4.84 -35.84 6.67
C LEU A 178 -4.19 -35.82 8.05
N VAL A 179 -4.04 -34.62 8.64
CA VAL A 179 -3.50 -34.48 10.00
C VAL A 179 -4.48 -35.09 11.01
N LEU A 180 -5.77 -34.88 10.84
CA LEU A 180 -6.71 -35.38 11.84
C LEU A 180 -7.94 -36.01 11.18
N GLY B 1 27.64 -11.44 0.52
CA GLY B 1 28.40 -10.32 1.01
C GLY B 1 27.97 -9.88 2.39
N SER B 2 28.97 -9.56 3.24
CA SER B 2 28.69 -9.01 4.56
C SER B 2 28.14 -7.61 4.46
N HIS B 3 28.44 -6.91 3.36
CA HIS B 3 27.72 -5.73 2.91
C HIS B 3 26.22 -5.98 2.91
N MET B 4 25.80 -7.08 2.28
CA MET B 4 24.39 -7.42 2.26
C MET B 4 23.91 -7.86 3.60
N ASP B 5 24.71 -8.51 4.44
CA ASP B 5 24.19 -9.04 5.70
C ASP B 5 23.79 -7.94 6.67
N TYR B 6 24.57 -6.87 6.71
CA TYR B 6 24.28 -5.75 7.58
C TYR B 6 23.16 -4.90 7.01
N LEU B 7 23.14 -4.72 5.67
CA LEU B 7 22.10 -3.95 4.99
C LEU B 7 20.74 -4.63 5.08
N THR B 8 20.72 -5.95 4.92
CA THR B 8 19.53 -6.80 4.97
C THR B 8 18.91 -6.78 6.35
N GLY B 9 19.73 -6.85 7.41
CA GLY B 9 19.20 -6.71 8.76
C GLY B 9 18.50 -5.38 8.96
N LYS B 10 19.11 -4.29 8.49
CA LYS B 10 18.50 -2.97 8.60
C LYS B 10 17.26 -2.81 7.71
N TRP B 11 17.21 -3.47 6.56
CA TRP B 11 16.01 -3.41 5.71
C TRP B 11 14.87 -4.19 6.35
N LYS B 12 15.20 -5.25 7.09
CA LYS B 12 14.17 -5.99 7.81
C LYS B 12 13.62 -5.16 8.95
N LEU B 13 14.46 -4.31 9.55
CA LEU B 13 14.00 -3.44 10.63
C LEU B 13 13.13 -2.30 10.10
N TRP B 14 13.50 -1.74 8.93
CA TRP B 14 12.67 -0.74 8.25
C TRP B 14 11.32 -1.31 7.85
N TYR B 15 11.32 -2.56 7.37
CA TYR B 15 10.11 -3.30 7.04
C TYR B 15 9.15 -3.36 8.22
N LYS B 16 9.68 -3.54 9.42
CA LYS B 16 8.87 -3.65 10.62
C LYS B 16 8.22 -2.33 10.99
N MET B 17 8.88 -1.20 10.66
CA MET B 17 8.31 0.11 10.94
C MET B 17 7.15 0.42 10.00
N LEU B 18 7.26 -0.01 8.74
CA LEU B 18 6.24 0.21 7.74
C LEU B 18 5.09 -0.79 7.86
N ASP B 19 5.33 -1.94 8.48
CA ASP B 19 4.28 -2.93 8.74
C ASP B 19 3.57 -2.49 10.01
N VAL B 20 2.69 -1.50 9.81
CA VAL B 20 1.98 -0.80 10.87
C VAL B 20 1.14 -1.78 11.65
N ASN B 21 0.37 -2.60 10.95
CA ASN B 21 -0.59 -3.47 11.62
C ASN B 21 -0.01 -4.80 12.05
N HIS B 22 1.34 -4.98 12.00
CA HIS B 22 2.08 -6.20 12.42
C HIS B 22 1.45 -7.52 11.91
N ASP B 23 1.27 -7.64 10.59
CA ASP B 23 0.76 -8.89 10.03
C ASP B 23 1.70 -9.58 9.04
N GLY B 24 2.89 -9.06 8.83
CA GLY B 24 3.87 -9.74 8.02
C GLY B 24 3.83 -9.43 6.54
N LYS B 25 2.93 -8.53 6.12
CA LYS B 25 2.89 -8.01 4.76
C LYS B 25 2.78 -6.50 4.84
N ILE B 26 3.15 -5.81 3.77
CA ILE B 26 2.88 -4.38 3.63
C ILE B 26 1.78 -4.22 2.60
N SER B 27 0.73 -3.47 2.96
CA SER B 27 -0.51 -3.43 2.19
C SER B 27 -1.25 -2.13 2.43
N ILE B 28 -2.44 -2.04 1.83
CA ILE B 28 -3.29 -0.85 1.87
C ILE B 28 -3.74 -0.54 3.29
N GLU B 29 -3.87 -1.58 4.15
CA GLU B 29 -4.28 -1.43 5.54
C GLU B 29 -3.24 -0.64 6.32
N ASP B 30 -1.95 -0.88 6.03
CA ASP B 30 -0.86 -0.13 6.65
C ASP B 30 -0.85 1.32 6.19
N VAL B 31 -1.32 1.57 4.97
CA VAL B 31 -1.34 2.93 4.42
C VAL B 31 -2.48 3.73 5.06
N GLU B 32 -3.68 3.12 5.09
CA GLU B 32 -4.86 3.77 5.67
C GLU B 32 -4.70 4.00 7.15
N GLU B 33 -4.13 3.04 7.88
CA GLU B 33 -3.98 3.15 9.33
C GLU B 33 -3.03 4.27 9.71
N SER B 34 -1.87 4.33 9.04
CA SER B 34 -0.88 5.39 9.30
C SER B 34 -1.42 6.76 8.93
N ARG B 35 -2.25 6.83 7.86
CA ARG B 35 -2.71 8.15 7.41
C ARG B 35 -3.88 8.65 8.25
N ASN B 36 -4.81 7.76 8.64
CA ASN B 36 -5.93 8.16 9.48
C ASN B 36 -5.46 8.55 10.87
N LYS B 37 -4.31 8.02 11.30
CA LYS B 37 -3.74 8.44 12.57
C LYS B 37 -2.95 9.74 12.46
N PHE B 38 -2.13 9.89 11.41
CA PHE B 38 -1.26 11.07 11.24
C PHE B 38 -2.08 12.36 11.15
N THR B 39 -3.17 12.31 10.38
CA THR B 39 -4.12 13.43 10.29
C THR B 39 -4.78 13.79 11.63
N ASN B 40 -5.33 12.80 12.34
CA ASN B 40 -6.08 13.09 13.56
C ASN B 40 -5.18 13.58 14.68
N LEU B 41 -3.94 13.10 14.71
CA LEU B 41 -3.00 13.44 15.77
C LEU B 41 -2.46 14.85 15.62
N HIS B 42 -2.28 15.33 14.38
CA HIS B 42 -1.92 16.72 14.13
C HIS B 42 -3.11 17.64 14.14
N GLU B 43 -4.29 17.12 14.50
CA GLU B 43 -5.51 17.90 14.78
C GLU B 43 -5.92 18.70 13.54
N LEU B 44 -6.04 17.99 12.43
CA LEU B 44 -6.33 18.53 11.12
C LEU B 44 -7.81 18.37 10.81
N LEU B 45 -8.40 19.37 10.15
CA LEU B 45 -9.76 19.24 9.65
C LEU B 45 -9.71 18.46 8.33
N GLU B 46 -10.88 17.92 7.93
CA GLU B 46 -11.01 16.91 6.88
C GLU B 46 -10.47 17.36 5.53
N GLU B 47 -10.50 18.67 5.25
CA GLU B 47 -10.00 19.16 3.98
C GLU B 47 -8.48 19.04 3.88
N LYS B 48 -7.76 19.45 4.92
CA LYS B 48 -6.31 19.38 4.84
C LYS B 48 -5.84 17.99 5.13
N ALA B 49 -6.58 17.28 5.99
CA ALA B 49 -6.38 15.86 6.25
C ALA B 49 -6.42 15.06 4.96
N LYS B 50 -7.48 15.26 4.14
CA LYS B 50 -7.59 14.66 2.80
C LYS B 50 -6.39 14.94 1.92
N GLY B 51 -5.83 16.14 2.01
CA GLY B 51 -4.66 16.49 1.21
C GLY B 51 -3.40 15.77 1.65
N VAL B 52 -3.14 15.72 2.97
CA VAL B 52 -1.97 15.01 3.48
C VAL B 52 -2.12 13.50 3.27
N LYS B 53 -3.36 12.99 3.24
CA LYS B 53 -3.60 11.57 2.97
C LYS B 53 -3.18 11.21 1.58
N VAL B 54 -3.50 12.07 0.60
CA VAL B 54 -3.03 11.88 -0.78
C VAL B 54 -1.50 11.92 -0.83
N ASP B 55 -0.86 12.79 -0.04
CA ASP B 55 0.61 12.90 -0.11
C ASP B 55 1.30 11.68 0.51
N MET B 56 0.74 11.12 1.59
CA MET B 56 1.37 9.91 2.13
C MET B 56 1.02 8.69 1.31
N GLU B 57 -0.15 8.69 0.66
CA GLU B 57 -0.51 7.57 -0.21
C GLU B 57 0.33 7.59 -1.46
N ASN B 58 0.77 8.78 -1.87
CA ASN B 58 1.64 8.86 -3.02
C ASN B 58 3.05 8.45 -2.65
N TRP B 59 3.46 8.72 -1.40
CA TRP B 59 4.79 8.31 -0.95
C TRP B 59 4.90 6.79 -0.92
N TRP B 60 3.85 6.11 -0.44
CA TRP B 60 3.83 4.64 -0.41
C TRP B 60 3.90 4.06 -1.81
N THR B 61 3.08 4.59 -2.73
CA THR B 61 3.02 4.09 -4.10
C THR B 61 4.34 4.32 -4.85
N GLU B 62 4.99 5.46 -4.62
CA GLU B 62 6.17 5.81 -5.39
C GLU B 62 7.42 5.11 -4.90
N TYR B 63 7.55 4.95 -3.59
CA TYR B 63 8.81 4.50 -3.01
C TYR B 63 8.77 3.12 -2.37
N ILE B 64 7.59 2.61 -2.01
CA ILE B 64 7.51 1.37 -1.25
C ILE B 64 6.93 0.29 -2.15
N PHE B 65 5.61 0.38 -2.44
CA PHE B 65 4.99 -0.59 -3.33
C PHE B 65 5.58 -0.51 -4.73
N GLY B 66 5.92 0.70 -5.16
CA GLY B 66 6.52 0.86 -6.48
C GLY B 66 5.48 0.90 -7.57
N GLN B 67 5.80 1.57 -8.66
CA GLN B 67 4.92 1.64 -9.83
C GLN B 67 4.76 0.26 -10.45
N ASN B 68 3.50 -0.14 -10.71
CA ASN B 68 3.12 -1.42 -11.34
C ASN B 68 3.62 -2.61 -10.51
N GLY B 69 3.41 -2.53 -9.20
CA GLY B 69 4.06 -3.41 -8.25
C GLY B 69 3.11 -4.41 -7.61
N PRO B 70 3.64 -5.27 -6.72
CA PRO B 70 2.80 -6.27 -6.05
C PRO B 70 1.74 -5.62 -5.16
N LYS B 71 0.69 -6.39 -4.91
CA LYS B 71 -0.41 -5.90 -4.10
C LYS B 71 0.00 -5.79 -2.64
N GLU B 72 0.76 -6.80 -2.16
CA GLU B 72 1.21 -6.93 -0.78
C GLU B 72 2.67 -7.38 -0.80
N ILE B 73 3.50 -6.84 0.08
CA ILE B 73 4.93 -7.08 0.04
C ILE B 73 5.34 -7.80 1.32
N SER B 74 5.75 -9.06 1.21
CA SER B 74 6.29 -9.76 2.36
C SER B 74 7.70 -9.24 2.69
N GLU B 75 8.22 -9.66 3.84
CA GLU B 75 9.55 -9.24 4.25
C GLU B 75 10.62 -9.82 3.32
N ALA B 76 10.38 -11.05 2.85
CA ALA B 76 11.26 -11.70 1.88
C ALA B 76 11.28 -10.96 0.55
N ASP B 77 10.11 -10.47 0.11
CA ASP B 77 10.01 -9.74 -1.16
C ASP B 77 10.67 -8.38 -1.05
N PHE B 78 10.46 -7.72 0.09
CA PHE B 78 10.96 -6.38 0.32
C PHE B 78 12.49 -6.39 0.31
N VAL B 79 13.09 -7.37 1.00
CA VAL B 79 14.55 -7.47 1.07
C VAL B 79 15.13 -7.81 -0.29
N LYS B 80 14.56 -8.79 -1.02
CA LYS B 80 15.12 -9.24 -2.31
C LYS B 80 14.99 -8.15 -3.37
N ARG B 81 13.96 -7.29 -3.30
CA ARG B 81 13.81 -6.23 -4.29
C ARG B 81 14.80 -5.10 -4.06
N LEU B 82 14.99 -4.74 -2.79
CA LEU B 82 15.97 -3.73 -2.44
C LEU B 82 17.38 -4.27 -2.74
N GLN B 83 17.56 -5.57 -2.55
CA GLN B 83 18.79 -6.29 -2.93
C GLN B 83 19.11 -6.13 -4.39
N THR B 84 18.15 -6.47 -5.26
CA THR B 84 18.34 -6.43 -6.71
C THR B 84 18.58 -5.02 -7.19
N ALA B 85 17.93 -4.03 -6.56
CA ALA B 85 18.11 -2.63 -6.95
C ALA B 85 19.47 -2.09 -6.50
N TYR B 86 19.94 -2.51 -5.32
CA TYR B 86 21.24 -2.07 -4.82
C TYR B 86 22.37 -2.70 -5.65
N GLU B 87 22.17 -3.95 -6.10
CA GLU B 87 23.15 -4.68 -6.91
C GLU B 87 23.18 -4.20 -8.34
N THR B 88 22.04 -3.68 -8.86
CA THR B 88 22.01 -3.23 -10.24
C THR B 88 22.71 -1.89 -10.37
N ASP B 89 22.38 -0.92 -9.51
CA ASP B 89 23.09 0.37 -9.53
C ASP B 89 22.94 1.06 -8.17
N LYS B 90 24.03 1.06 -7.39
CA LYS B 90 24.06 1.58 -6.02
C LYS B 90 23.74 3.07 -5.96
N ALA B 91 24.29 3.85 -6.90
CA ALA B 91 24.11 5.31 -6.88
C ALA B 91 22.67 5.71 -7.16
N ALA B 92 21.98 4.96 -8.03
CA ALA B 92 20.59 5.25 -8.34
C ALA B 92 19.66 4.90 -7.18
N PHE B 93 20.00 3.81 -6.48
CA PHE B 93 19.32 3.40 -5.25
C PHE B 93 19.46 4.47 -4.17
N VAL B 94 20.68 4.98 -3.98
CA VAL B 94 20.95 6.04 -3.01
C VAL B 94 20.16 7.30 -3.34
N LYS B 95 20.05 7.59 -4.64
CA LYS B 95 19.30 8.77 -5.08
C LYS B 95 17.80 8.59 -4.82
N LYS B 96 17.24 7.43 -5.19
CA LYS B 96 15.81 7.18 -5.00
C LYS B 96 15.45 7.12 -3.51
N MET B 97 16.35 6.58 -2.68
CA MET B 97 16.21 6.59 -1.23
C MET B 97 16.29 8.00 -0.65
N GLU B 98 17.13 8.87 -1.23
CA GLU B 98 17.19 10.25 -0.80
C GLU B 98 15.90 10.96 -1.18
N ASN B 99 15.36 10.56 -2.30
CA ASN B 99 14.10 11.11 -2.79
C ASN B 99 12.95 10.70 -1.88
N CYS B 100 12.92 9.42 -1.47
CA CYS B 100 11.90 8.86 -0.58
C CYS B 100 11.87 9.57 0.77
N PHE B 101 13.02 9.66 1.43
CA PHE B 101 13.02 10.28 2.74
C PHE B 101 12.84 11.80 2.66
N ASN B 102 13.31 12.45 1.58
CA ASN B 102 12.92 13.85 1.32
C ASN B 102 11.42 14.02 1.27
N THR B 103 10.73 13.03 0.70
CA THR B 103 9.28 13.13 0.49
C THR B 103 8.49 12.92 1.78
N ILE B 104 8.86 11.89 2.55
CA ILE B 104 8.11 11.60 3.76
C ILE B 104 8.39 12.64 4.82
N PHE B 105 9.65 13.10 4.94
CA PHE B 105 9.97 14.10 5.96
C PHE B 105 9.37 15.45 5.62
N ASP B 106 9.07 15.70 4.35
CA ASP B 106 8.27 16.86 3.96
C ASP B 106 6.86 16.84 4.55
N VAL B 107 6.15 15.71 4.39
CA VAL B 107 4.82 15.47 4.94
C VAL B 107 4.80 15.63 6.45
N ILE B 108 5.87 15.17 7.11
CA ILE B 108 6.01 15.21 8.56
C ILE B 108 6.24 16.63 9.04
N ASP B 109 6.88 17.46 8.20
CA ASP B 109 7.11 18.88 8.43
C ASP B 109 5.79 19.64 8.20
N THR B 110 4.96 19.63 9.25
CA THR B 110 3.61 20.15 9.16
C THR B 110 3.59 21.66 9.08
N ASN B 111 4.47 22.29 9.83
CA ASN B 111 4.65 23.73 9.95
C ASN B 111 5.47 24.33 8.82
N LYS B 112 6.01 23.51 7.91
CA LYS B 112 6.71 23.91 6.68
C LYS B 112 7.95 24.79 6.96
N ASP B 113 8.65 24.56 8.08
CA ASP B 113 9.83 25.37 8.41
C ASP B 113 11.14 24.65 8.10
N ARG B 114 11.08 23.55 7.35
CA ARG B 114 12.21 22.78 6.79
C ARG B 114 13.02 22.10 7.88
N GLN B 115 12.41 21.90 9.07
CA GLN B 115 13.02 21.29 10.24
C GLN B 115 12.09 20.21 10.75
N ILE B 116 12.66 19.19 11.39
CA ILE B 116 11.91 18.10 12.01
C ILE B 116 11.97 18.36 13.51
N GLU B 117 10.92 18.98 14.03
CA GLU B 117 10.76 19.25 15.44
C GLU B 117 10.32 17.99 16.15
N LEU B 118 10.53 17.96 17.48
CA LEU B 118 10.36 16.76 18.29
C LEU B 118 8.93 16.24 18.27
N ASP B 119 7.94 17.16 18.29
CA ASP B 119 6.53 16.78 18.23
C ASP B 119 6.20 16.05 16.93
N GLU B 120 6.88 16.44 15.84
CA GLU B 120 6.60 15.90 14.52
C GLU B 120 7.19 14.51 14.37
N PHE B 121 8.37 14.30 14.96
CA PHE B 121 9.01 12.99 14.98
C PHE B 121 8.15 11.98 15.74
N VAL B 122 7.72 12.36 16.95
CA VAL B 122 6.97 11.43 17.80
C VAL B 122 5.62 11.10 17.17
N LEU B 123 5.03 12.07 16.48
CA LEU B 123 3.65 11.89 16.05
C LEU B 123 3.55 11.04 14.79
N VAL B 124 4.56 11.07 13.91
CA VAL B 124 4.55 10.14 12.79
C VAL B 124 4.85 8.73 13.29
N PHE B 125 5.70 8.61 14.33
CA PHE B 125 5.97 7.31 14.96
C PHE B 125 4.71 6.72 15.57
N LYS B 126 3.92 7.53 16.30
CA LYS B 126 2.64 7.08 16.85
C LYS B 126 1.67 6.72 15.76
N ALA B 127 1.67 7.49 14.66
CA ALA B 127 0.79 7.26 13.51
C ALA B 127 1.00 5.88 12.90
N PHE B 128 2.24 5.42 12.85
CA PHE B 128 2.62 4.12 12.32
C PHE B 128 2.55 3.03 13.39
N GLY B 129 1.96 3.34 14.55
CA GLY B 129 1.75 2.36 15.59
C GLY B 129 2.94 2.14 16.51
N HIS B 130 3.74 3.16 16.77
CA HIS B 130 4.91 3.08 17.65
C HIS B 130 4.69 4.13 18.73
N GLU B 131 4.29 3.71 19.93
CA GLU B 131 3.97 4.67 20.99
C GLU B 131 4.96 4.68 22.14
N ASN B 132 6.16 4.15 21.94
CA ASN B 132 7.20 4.29 22.96
C ASN B 132 7.92 5.61 22.75
N GLU B 133 7.30 6.66 23.31
CA GLU B 133 7.70 8.07 23.23
C GLU B 133 9.01 8.42 23.95
N PRO B 134 9.41 7.84 25.12
CA PRO B 134 10.81 8.09 25.56
C PRO B 134 11.88 7.56 24.62
N ALA B 135 11.60 6.48 23.89
CA ALA B 135 12.61 5.96 22.96
C ALA B 135 12.71 6.83 21.72
N VAL B 136 11.59 7.41 21.26
CA VAL B 136 11.59 8.26 20.07
C VAL B 136 12.23 9.61 20.41
N THR B 137 11.91 10.17 21.59
CA THR B 137 12.49 11.42 22.06
C THR B 137 14.00 11.30 22.26
N LYS B 138 14.45 10.14 22.77
CA LYS B 138 15.88 9.84 22.89
C LYS B 138 16.57 9.86 21.53
N PHE B 139 15.90 9.27 20.53
CA PHE B 139 16.38 9.22 19.14
C PHE B 139 16.54 10.61 18.56
N PHE B 140 15.52 11.46 18.73
CA PHE B 140 15.56 12.86 18.31
C PHE B 140 16.72 13.59 18.99
N GLY B 141 16.97 13.27 20.26
CA GLY B 141 18.01 13.89 21.04
C GLY B 141 19.39 13.40 20.69
N LEU B 142 19.52 12.31 19.92
CA LEU B 142 20.82 11.88 19.45
C LEU B 142 21.37 12.81 18.38
N TYR B 143 20.54 13.68 17.81
CA TYR B 143 20.97 14.55 16.75
C TYR B 143 21.34 15.93 17.25
N ASN B 144 21.36 16.12 18.60
CA ASN B 144 21.81 17.35 19.31
C ASN B 144 21.23 18.64 18.76
N ALA B 145 20.01 18.59 18.25
CA ALA B 145 19.33 19.78 17.75
C ALA B 145 17.95 19.79 18.39
N PRO B 146 17.83 20.19 19.68
CA PRO B 146 16.54 20.07 20.36
C PRO B 146 15.43 20.98 19.79
N ALA B 147 15.79 22.06 19.10
CA ALA B 147 14.80 22.98 18.53
C ALA B 147 14.29 22.54 17.17
N GLY B 148 14.95 21.58 16.54
CA GLY B 148 14.54 21.04 15.26
C GLY B 148 15.72 20.52 14.46
N ILE B 149 15.62 19.29 13.97
CA ILE B 149 16.64 18.70 13.12
C ILE B 149 16.32 19.06 11.69
N PRO B 150 17.15 19.87 10.98
CA PRO B 150 16.91 20.17 9.55
C PRO B 150 16.76 18.92 8.68
N ILE B 151 15.93 19.00 7.62
CA ILE B 151 15.50 17.82 6.83
C ILE B 151 16.68 17.09 6.17
N LYS B 152 17.85 17.67 6.13
CA LYS B 152 19.05 16.84 5.92
C LYS B 152 19.43 15.98 7.14
N ASP B 153 18.47 15.34 7.86
CA ASP B 153 18.52 14.07 8.57
C ASP B 153 18.00 12.93 7.74
N ILE B 154 17.55 13.21 6.50
CA ILE B 154 17.37 12.12 5.58
C ILE B 154 18.73 11.57 5.20
N VAL B 155 19.82 12.28 5.46
CA VAL B 155 21.15 11.68 5.32
C VAL B 155 21.32 10.54 6.31
N ALA B 156 20.64 10.59 7.46
CA ALA B 156 20.73 9.52 8.43
C ALA B 156 19.90 8.32 8.00
N TYR B 157 18.67 8.57 7.51
CA TYR B 157 17.82 7.50 7.03
C TYR B 157 18.35 6.90 5.74
N VAL B 158 18.99 7.73 4.90
CA VAL B 158 19.64 7.24 3.69
C VAL B 158 20.80 6.36 4.08
N LYS B 159 21.62 6.83 5.04
CA LYS B 159 22.73 5.98 5.57
C LYS B 159 22.21 4.66 6.14
N PHE B 160 21.02 4.69 6.73
CA PHE B 160 20.45 3.49 7.33
C PHE B 160 19.95 2.52 6.26
N THR B 161 19.43 3.03 5.15
CA THR B 161 18.91 2.16 4.10
C THR B 161 19.96 1.85 3.03
N THR B 162 21.13 2.48 3.02
CA THR B 162 22.03 2.33 1.89
C THR B 162 23.47 1.96 2.28
N SER B 163 23.90 2.27 3.51
CA SER B 163 25.29 2.02 3.89
C SER B 163 25.49 0.56 4.22
N ASP B 164 26.42 -0.02 3.53
CA ASP B 164 26.85 -1.38 3.74
C ASP B 164 27.87 -1.53 4.86
N ASN B 165 28.09 -0.51 5.68
CA ASN B 165 29.19 -0.47 6.62
C ASN B 165 28.67 -0.72 8.04
N SER B 166 28.96 -1.92 8.58
CA SER B 166 28.59 -2.29 9.95
C SER B 166 29.29 -1.46 11.03
N ASN B 167 30.36 -0.72 10.68
CA ASN B 167 31.13 0.09 11.61
C ASN B 167 30.50 1.45 11.85
N ASP B 168 29.42 1.76 11.12
CA ASP B 168 28.78 3.08 11.21
C ASP B 168 28.27 3.34 12.61
N THR B 169 28.32 4.61 12.99
CA THR B 169 27.49 5.13 14.08
C THR B 169 26.16 5.54 13.44
N ASP B 170 25.16 4.62 13.46
CA ASP B 170 23.85 4.83 12.83
C ASP B 170 22.85 4.96 13.97
N TYR B 171 22.49 6.19 14.32
CA TYR B 171 21.51 6.43 15.37
C TYR B 171 20.14 5.90 15.00
N VAL B 172 19.78 5.90 13.69
CA VAL B 172 18.49 5.37 13.26
C VAL B 172 18.40 3.88 13.55
N ASN B 173 19.46 3.12 13.26
CA ASN B 173 19.45 1.67 13.45
C ASN B 173 19.30 1.29 14.92
N GLN B 174 20.11 1.93 15.77
CA GLN B 174 20.10 1.71 17.22
C GLN B 174 18.75 2.06 17.79
N SER B 175 18.15 3.11 17.27
CA SER B 175 16.94 3.60 17.89
C SER B 175 15.72 2.82 17.45
N LEU B 176 15.66 2.38 16.20
CA LEU B 176 14.56 1.53 15.78
C LEU B 176 14.63 0.14 16.44
N LYS B 177 15.82 -0.32 16.86
CA LYS B 177 15.94 -1.53 17.67
C LYS B 177 15.35 -1.36 19.07
N LEU B 178 15.24 -0.13 19.57
CA LEU B 178 14.66 0.10 20.88
C LEU B 178 13.24 0.66 20.86
N VAL B 179 12.84 1.37 19.81
CA VAL B 179 11.48 1.94 19.73
C VAL B 179 10.45 0.83 19.66
N LEU B 180 10.61 -0.08 18.69
CA LEU B 180 9.89 -1.35 18.72
C LEU B 180 10.82 -2.55 18.58
N GLY C 1 10.66 24.88 -7.64
CA GLY C 1 10.88 25.06 -6.21
C GLY C 1 10.05 24.21 -5.25
N SER C 2 9.24 24.89 -4.41
CA SER C 2 8.58 24.34 -3.23
C SER C 2 7.22 23.78 -3.66
N HIS C 3 6.25 23.59 -2.75
CA HIS C 3 5.00 22.90 -3.06
C HIS C 3 4.18 23.65 -4.10
N MET C 4 3.93 24.92 -3.86
CA MET C 4 3.16 25.60 -4.85
C MET C 4 4.00 26.04 -6.03
N ASP C 5 5.30 26.23 -5.83
CA ASP C 5 6.19 26.69 -6.89
C ASP C 5 6.48 25.60 -7.91
N TYR C 6 6.53 24.34 -7.50
CA TYR C 6 6.73 23.21 -8.41
C TYR C 6 5.48 22.98 -9.21
N LEU C 7 4.32 23.08 -8.55
CA LEU C 7 3.06 22.87 -9.25
C LEU C 7 2.78 23.95 -10.26
N THR C 8 3.02 25.23 -9.91
CA THR C 8 2.83 26.34 -10.84
C THR C 8 3.75 26.20 -12.04
N GLY C 9 4.98 25.74 -11.80
CA GLY C 9 5.91 25.50 -12.89
C GLY C 9 5.43 24.43 -13.85
N LYS C 10 4.98 23.29 -13.30
CA LYS C 10 4.43 22.24 -14.16
C LYS C 10 3.13 22.68 -14.85
N TRP C 11 2.37 23.57 -14.22
CA TRP C 11 1.13 24.10 -14.81
C TRP C 11 1.42 25.06 -15.94
N LYS C 12 2.54 25.80 -15.85
CA LYS C 12 3.00 26.67 -16.94
C LYS C 12 3.47 25.86 -18.13
N LEU C 13 4.22 24.79 -17.87
CA LEU C 13 4.66 23.90 -18.94
C LEU C 13 3.49 23.17 -19.61
N TRP C 14 2.44 22.88 -18.83
CA TRP C 14 1.25 22.27 -19.41
C TRP C 14 0.41 23.29 -20.18
N TYR C 15 0.48 24.57 -19.77
CA TYR C 15 -0.15 25.66 -20.50
C TYR C 15 0.47 25.81 -21.89
N LYS C 16 1.79 25.64 -21.97
CA LYS C 16 2.52 25.82 -23.22
C LYS C 16 2.13 24.75 -24.23
N MET C 17 1.76 23.55 -23.74
CA MET C 17 1.32 22.48 -24.62
C MET C 17 -0.05 22.78 -25.21
N LEU C 18 -0.96 23.33 -24.38
CA LEU C 18 -2.33 23.57 -24.80
C LEU C 18 -2.44 24.74 -25.77
N ASP C 19 -1.56 25.74 -25.62
CA ASP C 19 -1.49 26.93 -26.49
C ASP C 19 -0.88 26.51 -27.82
N VAL C 20 -1.71 25.95 -28.71
CA VAL C 20 -1.21 25.25 -29.89
C VAL C 20 -0.69 26.26 -30.90
N ASN C 21 -1.32 27.43 -30.96
CA ASN C 21 -0.85 28.45 -31.88
C ASN C 21 0.12 29.42 -31.22
N HIS C 22 0.57 29.09 -29.98
CA HIS C 22 1.63 29.74 -29.20
C HIS C 22 1.54 31.27 -29.23
N ASP C 23 0.43 31.77 -28.69
CA ASP C 23 0.16 33.20 -28.70
C ASP C 23 -0.10 33.80 -27.33
N GLY C 24 -0.19 32.98 -26.31
CA GLY C 24 -0.33 33.40 -24.93
C GLY C 24 -1.76 33.40 -24.42
N LYS C 25 -2.73 33.00 -25.24
CA LYS C 25 -4.11 32.82 -24.81
C LYS C 25 -4.63 31.48 -25.31
N ILE C 26 -5.10 30.61 -24.41
CA ILE C 26 -5.92 29.50 -24.84
C ILE C 26 -7.28 30.06 -25.26
N SER C 27 -7.74 29.69 -26.46
CA SER C 27 -9.00 30.22 -26.96
C SER C 27 -9.55 29.20 -27.94
N ILE C 28 -10.67 29.55 -28.60
CA ILE C 28 -11.39 28.65 -29.50
C ILE C 28 -10.51 28.27 -30.70
N GLU C 29 -9.54 29.13 -31.05
CA GLU C 29 -8.62 28.85 -32.15
C GLU C 29 -7.66 27.69 -31.83
N ASP C 30 -7.28 27.52 -30.55
CA ASP C 30 -6.48 26.35 -30.20
C ASP C 30 -7.32 25.08 -30.24
N VAL C 31 -8.62 25.18 -29.90
CA VAL C 31 -9.55 24.06 -30.03
C VAL C 31 -9.67 23.65 -31.49
N GLU C 32 -9.83 24.65 -32.39
CA GLU C 32 -10.04 24.39 -33.80
C GLU C 32 -8.80 23.82 -34.44
N GLU C 33 -7.63 24.30 -34.03
CA GLU C 33 -6.38 23.84 -34.63
C GLU C 33 -6.15 22.39 -34.28
N SER C 34 -6.31 22.05 -32.99
CA SER C 34 -6.05 20.69 -32.51
C SER C 34 -7.04 19.70 -33.10
N ARG C 35 -8.34 20.06 -33.10
CA ARG C 35 -9.38 19.09 -33.49
C ARG C 35 -9.31 18.82 -34.99
N ASN C 36 -9.00 19.84 -35.79
CA ASN C 36 -8.96 19.65 -37.24
C ASN C 36 -7.73 18.85 -37.66
N LYS C 37 -6.56 19.14 -37.07
CA LYS C 37 -5.36 18.35 -37.34
C LYS C 37 -5.50 16.91 -36.90
N PHE C 38 -6.14 16.67 -35.73
CA PHE C 38 -6.19 15.32 -35.13
C PHE C 38 -7.04 14.39 -35.98
N THR C 39 -8.21 14.86 -36.42
CA THR C 39 -9.14 14.06 -37.18
C THR C 39 -8.60 13.69 -38.56
N ASN C 40 -7.65 14.45 -39.08
CA ASN C 40 -7.06 14.18 -40.38
C ASN C 40 -5.78 13.35 -40.29
N LEU C 41 -5.04 13.39 -39.18
CA LEU C 41 -3.90 12.47 -39.02
C LEU C 41 -4.35 11.04 -38.82
N HIS C 42 -5.57 10.84 -38.31
CA HIS C 42 -6.15 9.52 -38.16
C HIS C 42 -6.98 9.11 -39.36
N GLU C 43 -6.90 9.87 -40.47
CA GLU C 43 -7.56 9.59 -41.76
C GLU C 43 -9.08 9.49 -41.62
N LEU C 44 -9.66 10.18 -40.62
CA LEU C 44 -11.06 9.96 -40.29
C LEU C 44 -11.96 10.62 -41.30
N LEU C 45 -13.07 9.95 -41.60
CA LEU C 45 -14.00 10.40 -42.62
C LEU C 45 -14.84 11.51 -42.02
N GLU C 46 -15.68 12.16 -42.85
CA GLU C 46 -16.36 13.39 -42.41
C GLU C 46 -17.33 13.13 -41.25
N GLU C 47 -17.93 11.93 -41.19
CA GLU C 47 -18.78 11.56 -40.07
C GLU C 47 -17.96 11.33 -38.81
N LYS C 48 -16.90 10.52 -38.91
CA LYS C 48 -16.14 10.13 -37.72
C LYS C 48 -15.33 11.31 -37.18
N ALA C 49 -14.87 12.18 -38.08
CA ALA C 49 -14.16 13.40 -37.73
C ALA C 49 -15.06 14.38 -36.99
N LYS C 50 -16.30 14.57 -37.46
CA LYS C 50 -17.24 15.45 -36.77
C LYS C 50 -17.55 14.95 -35.36
N GLY C 51 -17.62 13.63 -35.16
CA GLY C 51 -17.92 13.12 -33.84
C GLY C 51 -16.77 13.28 -32.87
N VAL C 52 -15.55 12.90 -33.31
CA VAL C 52 -14.36 13.03 -32.46
C VAL C 52 -14.02 14.51 -32.20
N LYS C 53 -14.34 15.42 -33.14
CA LYS C 53 -14.24 16.86 -32.90
C LYS C 53 -15.21 17.33 -31.82
N VAL C 54 -16.44 16.78 -31.83
CA VAL C 54 -17.41 17.10 -30.77
C VAL C 54 -16.88 16.64 -29.41
N ASP C 55 -16.23 15.46 -29.36
CA ASP C 55 -15.63 15.01 -28.10
C ASP C 55 -14.42 15.83 -27.68
N MET C 56 -13.66 16.37 -28.62
CA MET C 56 -12.50 17.14 -28.20
C MET C 56 -12.91 18.50 -27.69
N GLU C 57 -13.89 19.14 -28.35
CA GLU C 57 -14.41 20.43 -27.89
C GLU C 57 -15.09 20.28 -26.54
N ASN C 58 -15.75 19.13 -26.31
CA ASN C 58 -16.36 18.84 -25.01
C ASN C 58 -15.32 18.74 -23.92
N TRP C 59 -14.15 18.14 -24.21
CA TRP C 59 -13.05 18.07 -23.25
C TRP C 59 -12.56 19.46 -22.87
N TRP C 60 -12.36 20.33 -23.88
CA TRP C 60 -11.88 21.69 -23.67
C TRP C 60 -12.87 22.53 -22.85
N THR C 61 -14.17 22.47 -23.21
CA THR C 61 -15.19 23.29 -22.53
C THR C 61 -15.44 22.81 -21.13
N GLU C 62 -15.21 21.54 -20.86
CA GLU C 62 -15.53 21.02 -19.54
C GLU C 62 -14.39 21.20 -18.54
N TYR C 63 -13.14 21.11 -19.02
CA TYR C 63 -12.00 20.99 -18.11
C TYR C 63 -10.97 22.10 -18.24
N ILE C 64 -10.78 22.68 -19.42
CA ILE C 64 -9.85 23.79 -19.55
C ILE C 64 -10.57 25.12 -19.35
N PHE C 65 -11.71 25.30 -20.00
CA PHE C 65 -12.44 26.57 -20.01
C PHE C 65 -13.43 26.63 -18.85
N GLY C 66 -14.35 25.69 -18.84
CA GLY C 66 -15.52 25.68 -18.00
C GLY C 66 -16.73 26.12 -18.80
N GLN C 67 -17.90 25.55 -18.45
CA GLN C 67 -19.10 25.80 -19.23
C GLN C 67 -19.57 27.24 -19.11
N ASN C 68 -19.14 27.94 -18.06
CA ASN C 68 -19.39 29.36 -17.85
C ASN C 68 -18.08 30.11 -17.62
N GLY C 69 -17.04 29.78 -18.42
CA GLY C 69 -15.70 30.28 -18.18
C GLY C 69 -15.28 31.41 -19.11
N PRO C 70 -13.98 31.71 -19.16
CA PRO C 70 -13.51 32.84 -19.98
C PRO C 70 -13.60 32.54 -21.46
N LYS C 71 -13.55 33.61 -22.26
CA LYS C 71 -13.46 33.42 -23.71
C LYS C 71 -12.07 32.97 -24.08
N GLU C 72 -11.07 33.67 -23.55
CA GLU C 72 -9.68 33.37 -23.71
C GLU C 72 -9.04 33.35 -22.33
N ILE C 73 -8.04 32.50 -22.15
CA ILE C 73 -7.40 32.28 -20.84
C ILE C 73 -5.93 32.54 -21.02
N SER C 74 -5.34 33.36 -20.16
CA SER C 74 -3.90 33.59 -20.18
C SER C 74 -3.22 32.60 -19.25
N GLU C 75 -1.87 32.47 -19.37
CA GLU C 75 -1.11 31.65 -18.43
C GLU C 75 -1.26 32.15 -16.99
N ALA C 76 -1.38 33.47 -16.82
CA ALA C 76 -1.65 34.07 -15.50
C ALA C 76 -3.01 33.64 -14.93
N ASP C 77 -4.12 33.84 -15.70
CA ASP C 77 -5.44 33.45 -15.21
C ASP C 77 -5.57 31.94 -15.01
N PHE C 78 -4.91 31.15 -15.86
CA PHE C 78 -5.00 29.69 -15.83
C PHE C 78 -4.29 29.13 -14.62
N VAL C 79 -3.08 29.61 -14.34
CA VAL C 79 -2.31 29.06 -13.23
C VAL C 79 -2.85 29.61 -11.91
N LYS C 80 -3.51 30.77 -11.95
CA LYS C 80 -4.20 31.28 -10.77
C LYS C 80 -5.43 30.45 -10.45
N ARG C 81 -6.31 30.18 -11.43
CA ARG C 81 -7.51 29.38 -11.14
C ARG C 81 -7.14 27.94 -10.81
N LEU C 82 -5.99 27.47 -11.29
CA LEU C 82 -5.52 26.15 -10.91
C LEU C 82 -5.03 26.15 -9.47
N GLN C 83 -4.28 27.19 -9.10
CA GLN C 83 -3.79 27.37 -7.74
C GLN C 83 -4.93 27.44 -6.76
N THR C 84 -5.97 28.22 -7.09
CA THR C 84 -7.07 28.46 -6.18
C THR C 84 -7.85 27.18 -5.90
N ALA C 85 -8.01 26.32 -6.93
CA ALA C 85 -8.71 25.02 -6.77
C ALA C 85 -7.95 24.07 -5.84
N TYR C 86 -6.63 23.98 -6.02
CA TYR C 86 -5.80 23.10 -5.21
C TYR C 86 -5.83 23.51 -3.75
N GLU C 87 -5.90 24.82 -3.49
CA GLU C 87 -6.03 25.32 -2.13
C GLU C 87 -7.46 25.25 -1.58
N THR C 88 -8.47 25.26 -2.45
CA THR C 88 -9.85 25.17 -2.00
C THR C 88 -10.18 23.77 -1.53
N ASP C 89 -9.90 22.78 -2.39
CA ASP C 89 -10.03 21.36 -2.04
C ASP C 89 -9.12 20.51 -2.94
N LYS C 90 -8.01 20.06 -2.35
CA LYS C 90 -6.96 19.36 -3.09
C LYS C 90 -7.46 18.04 -3.59
N ALA C 91 -8.30 17.36 -2.80
CA ALA C 91 -8.76 16.04 -3.19
C ALA C 91 -9.80 16.10 -4.30
N ALA C 92 -10.61 17.16 -4.33
CA ALA C 92 -11.51 17.35 -5.47
C ALA C 92 -10.70 17.72 -6.69
N PHE C 93 -9.64 18.50 -6.48
CA PHE C 93 -8.77 18.91 -7.58
C PHE C 93 -8.09 17.69 -8.20
N VAL C 94 -7.70 16.71 -7.39
CA VAL C 94 -7.02 15.50 -7.89
C VAL C 94 -7.99 14.67 -8.73
N LYS C 95 -9.28 14.69 -8.38
CA LYS C 95 -10.26 13.89 -9.09
C LYS C 95 -10.83 14.60 -10.33
N LYS C 96 -10.81 15.93 -10.38
CA LYS C 96 -11.10 16.62 -11.63
C LYS C 96 -9.99 16.42 -12.67
N MET C 97 -8.79 16.08 -12.20
CA MET C 97 -7.65 15.80 -13.07
C MET C 97 -7.56 14.37 -13.56
N GLU C 98 -7.83 13.40 -12.69
CA GLU C 98 -7.96 12.01 -13.16
C GLU C 98 -9.05 11.88 -14.19
N ASN C 99 -10.14 12.62 -13.98
CA ASN C 99 -11.26 12.68 -14.91
C ASN C 99 -10.83 13.32 -16.21
N CYS C 100 -10.07 14.45 -16.11
CA CYS C 100 -9.62 15.21 -17.28
C CYS C 100 -8.76 14.36 -18.21
N PHE C 101 -7.82 13.61 -17.64
CA PHE C 101 -6.87 12.86 -18.47
C PHE C 101 -7.44 11.52 -18.90
N ASN C 102 -8.29 10.88 -18.10
CA ASN C 102 -9.06 9.72 -18.57
C ASN C 102 -9.93 10.07 -19.78
N THR C 103 -10.43 11.32 -19.83
CA THR C 103 -11.32 11.74 -20.92
C THR C 103 -10.55 11.92 -22.22
N ILE C 104 -9.46 12.69 -22.16
CA ILE C 104 -8.70 13.00 -23.36
C ILE C 104 -7.96 11.77 -23.85
N PHE C 105 -7.56 10.87 -22.93
CA PHE C 105 -6.85 9.68 -23.39
C PHE C 105 -7.81 8.65 -23.95
N ASP C 106 -9.09 8.73 -23.62
CA ASP C 106 -10.07 7.92 -24.32
C ASP C 106 -10.27 8.42 -25.76
N VAL C 107 -10.02 9.71 -26.02
CA VAL C 107 -10.07 10.26 -27.38
C VAL C 107 -8.79 9.86 -28.14
N ILE C 108 -7.65 9.89 -27.43
CA ILE C 108 -6.37 9.51 -28.02
C ILE C 108 -6.39 8.04 -28.42
N ASP C 109 -7.03 7.20 -27.59
CA ASP C 109 -7.23 5.76 -27.81
C ASP C 109 -8.29 5.55 -28.89
N THR C 110 -7.86 5.63 -30.15
CA THR C 110 -8.79 5.53 -31.25
C THR C 110 -9.18 4.10 -31.55
N ASN C 111 -8.30 3.11 -31.27
CA ASN C 111 -8.72 1.74 -31.57
C ASN C 111 -9.52 1.12 -30.43
N LYS C 112 -9.70 1.87 -29.32
CA LYS C 112 -10.52 1.51 -28.16
C LYS C 112 -10.08 0.18 -27.54
N ASP C 113 -8.77 -0.03 -27.46
CA ASP C 113 -8.26 -1.22 -26.80
C ASP C 113 -7.85 -0.94 -25.37
N ARG C 114 -8.16 0.28 -24.88
CA ARG C 114 -7.96 0.80 -23.53
C ARG C 114 -6.47 0.97 -23.20
N GLN C 115 -5.64 1.14 -24.24
CA GLN C 115 -4.20 1.36 -24.17
C GLN C 115 -3.82 2.43 -25.18
N ILE C 116 -2.85 3.28 -24.85
CA ILE C 116 -2.36 4.30 -25.76
C ILE C 116 -1.07 3.79 -26.41
N GLU C 117 -1.13 3.41 -27.69
CA GLU C 117 0.07 2.96 -28.40
C GLU C 117 0.87 4.16 -28.84
N LEU C 118 2.02 3.89 -29.46
CA LEU C 118 2.87 4.95 -29.98
C LEU C 118 2.21 5.72 -31.12
N ASP C 119 1.33 5.05 -31.89
CA ASP C 119 0.53 5.65 -32.96
C ASP C 119 -0.27 6.80 -32.39
N GLU C 120 -1.10 6.48 -31.40
CA GLU C 120 -1.99 7.45 -30.80
C GLU C 120 -1.22 8.53 -30.03
N PHE C 121 -0.07 8.17 -29.49
CA PHE C 121 0.68 9.06 -28.63
C PHE C 121 1.40 10.13 -29.46
N VAL C 122 2.06 9.71 -30.53
CA VAL C 122 2.80 10.60 -31.44
C VAL C 122 1.86 11.53 -32.18
N LEU C 123 0.71 11.01 -32.61
CA LEU C 123 -0.20 11.76 -33.44
C LEU C 123 -0.91 12.86 -32.66
N VAL C 124 -1.18 12.62 -31.36
CA VAL C 124 -1.82 13.67 -30.58
C VAL C 124 -0.84 14.78 -30.32
N PHE C 125 0.46 14.49 -30.31
CA PHE C 125 1.44 15.55 -30.15
C PHE C 125 1.58 16.32 -31.44
N LYS C 126 1.49 15.63 -32.61
CA LYS C 126 1.51 16.28 -33.93
C LYS C 126 0.30 17.19 -34.10
N ALA C 127 -0.85 16.77 -33.61
CA ALA C 127 -2.07 17.55 -33.71
C ALA C 127 -2.05 18.76 -32.79
N PHE C 128 -1.24 18.73 -31.75
CA PHE C 128 -1.14 19.86 -30.84
C PHE C 128 0.04 20.77 -31.22
N GLY C 129 0.57 20.60 -32.43
CA GLY C 129 1.58 21.46 -33.00
C GLY C 129 2.99 21.02 -32.71
N HIS C 130 3.16 19.90 -32.05
CA HIS C 130 4.47 19.48 -31.57
C HIS C 130 4.97 18.40 -32.50
N GLU C 131 6.18 18.58 -33.02
CA GLU C 131 6.66 17.76 -34.12
C GLU C 131 8.00 17.11 -33.83
N ASN C 132 8.52 17.22 -32.60
CA ASN C 132 9.72 16.47 -32.22
C ASN C 132 9.26 15.05 -31.85
N GLU C 133 8.99 14.29 -32.90
CA GLU C 133 8.70 12.86 -32.81
C GLU C 133 9.83 12.05 -32.15
N PRO C 134 11.14 12.29 -32.39
CA PRO C 134 12.17 11.57 -31.58
C PRO C 134 12.19 11.88 -30.09
N ALA C 135 11.47 12.89 -29.61
CA ALA C 135 11.32 13.13 -28.18
C ALA C 135 10.06 12.50 -27.62
N VAL C 136 8.96 12.50 -28.39
CA VAL C 136 7.71 11.86 -27.99
C VAL C 136 7.91 10.35 -27.89
N THR C 137 8.81 9.80 -28.71
CA THR C 137 9.13 8.38 -28.64
C THR C 137 9.98 8.07 -27.42
N LYS C 138 10.94 8.96 -27.09
CA LYS C 138 11.70 8.81 -25.84
C LYS C 138 10.80 8.89 -24.62
N PHE C 139 9.75 9.70 -24.70
CA PHE C 139 8.76 9.83 -23.64
C PHE C 139 7.97 8.54 -23.49
N PHE C 140 7.44 8.02 -24.59
CA PHE C 140 6.65 6.80 -24.57
C PHE C 140 7.50 5.60 -24.13
N GLY C 141 8.78 5.59 -24.50
CA GLY C 141 9.69 4.51 -24.14
C GLY C 141 10.02 4.44 -22.66
N LEU C 142 9.83 5.55 -21.94
CA LEU C 142 10.13 5.59 -20.51
C LEU C 142 9.16 4.74 -19.68
N TYR C 143 8.02 4.37 -20.25
CA TYR C 143 7.00 3.68 -19.46
C TYR C 143 7.12 2.18 -19.55
N ASN C 144 8.11 1.68 -20.34
CA ASN C 144 8.44 0.26 -20.47
C ASN C 144 7.20 -0.57 -20.82
N ALA C 145 6.40 -0.05 -21.74
CA ALA C 145 5.17 -0.69 -22.15
C ALA C 145 5.11 -0.66 -23.67
N PRO C 146 5.97 -1.44 -24.37
CA PRO C 146 6.30 -1.09 -25.75
C PRO C 146 5.14 -1.27 -26.70
N ALA C 147 4.22 -2.18 -26.38
CA ALA C 147 3.03 -2.46 -27.17
C ALA C 147 1.79 -1.68 -26.70
N GLY C 148 1.97 -0.68 -25.84
CA GLY C 148 0.90 0.21 -25.42
C GLY C 148 0.80 0.39 -23.92
N ILE C 149 0.91 1.62 -23.44
CA ILE C 149 0.71 1.90 -22.01
C ILE C 149 -0.78 1.84 -21.70
N PRO C 150 -1.22 1.05 -20.71
CA PRO C 150 -2.63 1.06 -20.32
C PRO C 150 -3.07 2.44 -19.82
N ILE C 151 -4.35 2.77 -20.07
CA ILE C 151 -4.91 4.11 -19.83
C ILE C 151 -4.84 4.48 -18.34
N LYS C 152 -4.89 3.50 -17.43
CA LYS C 152 -4.76 3.78 -16.01
C LYS C 152 -3.36 4.28 -15.63
N ASP C 153 -2.35 4.07 -16.45
CA ASP C 153 -1.08 4.71 -16.14
C ASP C 153 -1.03 6.22 -16.53
N ILE C 154 -2.18 6.90 -16.73
CA ILE C 154 -2.30 8.35 -16.72
C ILE C 154 -2.22 8.93 -15.31
N VAL C 155 -1.95 8.09 -14.31
CA VAL C 155 -1.43 8.61 -13.06
C VAL C 155 -0.14 9.37 -13.24
N ALA C 156 0.63 9.08 -14.30
CA ALA C 156 1.74 9.92 -14.72
C ALA C 156 1.33 11.38 -14.88
N TYR C 157 0.21 11.61 -15.58
CA TYR C 157 -0.23 12.95 -15.84
C TYR C 157 -0.91 13.57 -14.61
N VAL C 158 -1.56 12.75 -13.76
CA VAL C 158 -2.12 13.28 -12.51
C VAL C 158 -0.99 13.68 -11.58
N LYS C 159 0.13 12.93 -11.60
CA LYS C 159 1.29 13.30 -10.81
C LYS C 159 1.97 14.57 -11.36
N PHE C 160 1.89 14.80 -12.66
CA PHE C 160 2.39 16.06 -13.21
C PHE C 160 1.50 17.26 -12.83
N THR C 161 0.22 17.02 -12.72
CA THR C 161 -0.71 18.15 -12.54
C THR C 161 -1.23 18.32 -11.13
N THR C 162 -0.89 17.44 -10.17
CA THR C 162 -1.43 17.54 -8.80
C THR C 162 -0.36 17.24 -7.74
N SER C 163 0.78 16.63 -8.07
CA SER C 163 1.78 16.41 -7.03
C SER C 163 2.54 17.69 -6.76
N ASP C 164 2.88 17.88 -5.50
CA ASP C 164 3.62 19.03 -4.97
C ASP C 164 5.01 18.61 -4.52
N ASN C 165 5.49 17.46 -5.00
CA ASN C 165 6.73 16.87 -4.48
C ASN C 165 7.81 16.96 -5.55
N SER C 166 8.77 17.87 -5.33
CA SER C 166 9.86 18.15 -6.26
C SER C 166 10.86 16.98 -6.39
N ASN C 167 10.79 16.02 -5.50
CA ASN C 167 11.60 14.80 -5.48
C ASN C 167 11.00 13.67 -6.30
N ASP C 168 9.76 13.87 -6.86
CA ASP C 168 9.10 12.90 -7.75
C ASP C 168 9.98 12.44 -8.90
N THR C 169 9.68 11.31 -9.44
CA THR C 169 10.22 10.92 -10.73
C THR C 169 9.05 11.03 -11.70
N ASP C 170 9.00 12.15 -12.42
CA ASP C 170 7.90 12.41 -13.34
C ASP C 170 8.41 12.47 -14.77
N TYR C 171 7.95 11.51 -15.57
CA TYR C 171 8.40 11.39 -16.94
C TYR C 171 7.70 12.42 -17.82
N VAL C 172 6.47 12.79 -17.44
CA VAL C 172 5.75 13.87 -18.14
C VAL C 172 6.49 15.17 -17.97
N ASN C 173 6.90 15.48 -16.73
CA ASN C 173 7.57 16.75 -16.48
C ASN C 173 8.94 16.79 -17.18
N GLN C 174 9.68 15.69 -17.07
CA GLN C 174 11.00 15.55 -17.72
C GLN C 174 10.90 15.72 -19.23
N SER C 175 9.99 14.98 -19.87
CA SER C 175 9.91 14.94 -21.33
C SER C 175 9.31 16.20 -21.94
N LEU C 176 8.33 16.83 -21.26
CA LEU C 176 7.68 18.02 -21.81
C LEU C 176 8.61 19.24 -21.82
N LYS C 177 9.67 19.21 -20.99
CA LYS C 177 10.76 20.18 -21.08
C LYS C 177 11.57 20.05 -22.37
N LEU C 178 11.41 18.94 -23.08
CA LEU C 178 12.17 18.63 -24.27
C LEU C 178 11.31 18.62 -25.53
N VAL C 179 9.99 18.49 -25.40
CA VAL C 179 9.08 18.27 -26.53
C VAL C 179 8.90 19.54 -27.39
N LEU C 180 9.52 20.65 -26.97
CA LEU C 180 9.62 21.94 -27.68
C LEU C 180 10.02 21.78 -29.15
CA CA D . -12.75 -31.74 24.61
CA CA E . 7.86 -16.54 13.66
CA CA F . 0.62 -4.90 7.19
CA CA G . 8.94 21.43 11.25
CA CA H . -3.74 30.03 -28.26
CA CA I . -5.15 2.27 -28.40
#